data_8RDL
#
_entry.id   8RDL
#
_cell.length_a   72.500
_cell.length_b   72.500
_cell.length_c   104.960
_cell.angle_alpha   90.00
_cell.angle_beta   90.00
_cell.angle_gamma   90.00
#
_symmetry.space_group_name_H-M   'P 43 21 2'
#
loop_
_entity.id
_entity.type
_entity.pdbx_description
1 polymer 'ToxA protein'
2 non-polymer S-ADENOSYL-L-HOMOCYSTEINE
3 water water
#
_entity_poly.entity_id   1
_entity_poly.type   'polypeptide(L)'
_entity_poly.pdbx_seq_one_letter_code
;SEIHYDSIGEGYEHFYNSVPQRKVEVRTLFDMVGDVQGKSVLDLACGYGYFGRELYHRGASKVVGVDISEKMIALAKKKS
TEYGDNIEFHVANVSDMQLNEKFDIITATFLFHYAKSIVELESMFRSVANHLKPSGKLVAYMAAPDYQLEKGNCHNYGLN
ILSEEPLQGGFIHQVEFITTPPILLTFYRWDRETYKNAIHKAGFGHFEWRKPMVLESDIERYPAGFWDTYQQNCMHTGLT
CWMP
;
_entity_poly.pdbx_strand_id   A
#
loop_
_chem_comp.id
_chem_comp.type
_chem_comp.name
_chem_comp.formula
SAH non-polymer S-ADENOSYL-L-HOMOCYSTEINE 'C14 H20 N6 O5 S'
#
# COMPACT_ATOMS: atom_id res chain seq x y z
N ARG A 22 -12.77 -3.27 -11.15
CA ARG A 22 -11.31 -3.08 -11.35
C ARG A 22 -10.59 -4.43 -11.21
N LYS A 23 -10.97 -5.40 -12.05
CA LYS A 23 -10.44 -6.78 -12.04
C LYS A 23 -8.91 -6.76 -12.19
N VAL A 24 -8.40 -6.07 -13.21
CA VAL A 24 -6.95 -6.02 -13.55
C VAL A 24 -6.15 -5.39 -12.40
N GLU A 25 -6.74 -4.43 -11.66
CA GLU A 25 -6.15 -3.85 -10.44
C GLU A 25 -5.89 -4.97 -9.42
N VAL A 26 -6.90 -5.78 -9.14
CA VAL A 26 -6.83 -6.96 -8.23
C VAL A 26 -5.91 -8.02 -8.84
N ARG A 27 -6.02 -8.27 -10.15
CA ARG A 27 -5.16 -9.24 -10.89
C ARG A 27 -3.70 -8.81 -10.78
N THR A 28 -3.38 -7.57 -11.19
CA THR A 28 -2.02 -7.00 -11.12
C THR A 28 -1.50 -7.12 -9.68
N LEU A 29 -2.35 -6.74 -8.72
CA LEU A 29 -2.03 -6.81 -7.26
C LEU A 29 -1.63 -8.25 -6.90
N PHE A 30 -2.42 -9.25 -7.31
CA PHE A 30 -2.13 -10.68 -7.06
C PHE A 30 -1.00 -11.18 -7.97
N ASP A 31 -0.83 -10.57 -9.15
CA ASP A 31 0.31 -10.89 -10.06
C ASP A 31 1.59 -10.32 -9.46
N MET A 32 1.55 -9.05 -9.03
CA MET A 32 2.66 -8.34 -8.34
C MET A 32 3.15 -9.22 -7.18
N VAL A 33 2.23 -9.72 -6.36
CA VAL A 33 2.53 -10.63 -5.21
C VAL A 33 3.04 -11.98 -5.76
N GLY A 34 2.39 -12.50 -6.81
CA GLY A 34 2.72 -13.80 -7.40
C GLY A 34 2.36 -14.95 -6.46
N ASP A 35 3.08 -16.07 -6.55
CA ASP A 35 2.82 -17.28 -5.74
C ASP A 35 3.20 -16.99 -4.27
N VAL A 36 2.31 -17.34 -3.33
CA VAL A 36 2.50 -17.09 -1.87
C VAL A 36 2.60 -18.42 -1.11
N GLN A 37 2.40 -19.55 -1.78
CA GLN A 37 2.55 -20.91 -1.16
C GLN A 37 3.86 -20.94 -0.35
N GLY A 38 3.76 -21.11 0.96
CA GLY A 38 4.92 -21.27 1.87
C GLY A 38 5.62 -19.96 2.17
N LYS A 39 5.10 -18.82 1.69
CA LYS A 39 5.69 -17.48 1.89
C LYS A 39 5.05 -16.83 3.11
N SER A 40 5.86 -16.17 3.96
CA SER A 40 5.37 -15.31 5.08
C SER A 40 5.01 -13.94 4.52
N VAL A 41 3.82 -13.43 4.87
CA VAL A 41 3.26 -12.15 4.34
C VAL A 41 2.98 -11.21 5.52
N LEU A 42 3.48 -9.97 5.43
CA LEU A 42 3.13 -8.84 6.33
C LEU A 42 2.26 -7.86 5.54
N ASP A 43 1.00 -7.71 5.96
CA ASP A 43 0.00 -6.80 5.34
C ASP A 43 -0.02 -5.50 6.15
N LEU A 44 0.55 -4.43 5.60
CA LEU A 44 0.59 -3.08 6.22
C LEU A 44 -0.64 -2.29 5.77
N ALA A 45 -1.17 -1.43 6.64
CA ALA A 45 -2.43 -0.69 6.41
C ALA A 45 -3.52 -1.72 6.08
N CYS A 46 -3.57 -2.81 6.84
CA CYS A 46 -4.36 -4.03 6.56
C CYS A 46 -5.88 -3.77 6.68
N GLY A 47 -6.29 -2.70 7.35
CA GLY A 47 -7.70 -2.49 7.71
C GLY A 47 -8.20 -3.66 8.55
N TYR A 48 -9.31 -4.29 8.14
CA TYR A 48 -9.90 -5.46 8.85
C TYR A 48 -9.26 -6.74 8.31
N GLY A 49 -8.25 -6.61 7.44
CA GLY A 49 -7.34 -7.71 7.05
C GLY A 49 -7.80 -8.43 5.79
N TYR A 50 -8.57 -7.76 4.94
CA TYR A 50 -9.15 -8.32 3.69
C TYR A 50 -8.06 -9.02 2.87
N PHE A 51 -6.97 -8.29 2.57
CA PHE A 51 -5.94 -8.70 1.59
C PHE A 51 -5.06 -9.82 2.16
N GLY A 52 -4.54 -9.64 3.38
CA GLY A 52 -3.76 -10.67 4.09
C GLY A 52 -4.55 -11.96 4.24
N ARG A 53 -5.86 -11.85 4.49
CA ARG A 53 -6.78 -13.00 4.66
C ARG A 53 -6.87 -13.77 3.33
N GLU A 54 -7.01 -13.06 2.21
CA GLU A 54 -7.10 -13.67 0.86
C GLU A 54 -5.78 -14.41 0.55
N LEU A 55 -4.64 -13.86 0.97
CA LEU A 55 -3.31 -14.50 0.76
C LEU A 55 -3.14 -15.71 1.69
N TYR A 56 -3.78 -15.67 2.87
CA TYR A 56 -3.88 -16.82 3.81
C TYR A 56 -4.52 -18.03 3.11
N HIS A 57 -5.55 -17.78 2.31
CA HIS A 57 -6.33 -18.84 1.58
C HIS A 57 -5.55 -19.34 0.36
N ARG A 58 -4.56 -18.59 -0.13
CA ARG A 58 -3.73 -19.00 -1.29
C ARG A 58 -2.44 -19.69 -0.81
N GLY A 59 -2.32 -19.95 0.49
CA GLY A 59 -1.37 -20.91 1.07
C GLY A 59 -0.16 -20.25 1.71
N ALA A 60 -0.26 -18.98 2.09
CA ALA A 60 0.79 -18.26 2.84
C ALA A 60 1.16 -19.07 4.09
N SER A 61 2.46 -19.29 4.34
CA SER A 61 2.98 -19.99 5.53
C SER A 61 2.54 -19.24 6.79
N LYS A 62 2.55 -17.91 6.72
CA LYS A 62 2.17 -17.00 7.83
C LYS A 62 1.64 -15.69 7.23
N VAL A 63 0.66 -15.08 7.90
CA VAL A 63 0.17 -13.71 7.59
C VAL A 63 0.12 -12.93 8.90
N VAL A 64 0.69 -11.72 8.89
CA VAL A 64 0.63 -10.74 10.01
C VAL A 64 0.05 -9.43 9.43
N GLY A 65 -0.89 -8.83 10.14
CA GLY A 65 -1.54 -7.56 9.74
C GLY A 65 -1.14 -6.44 10.68
N VAL A 66 -0.86 -5.25 10.12
CA VAL A 66 -0.52 -4.03 10.90
C VAL A 66 -1.38 -2.88 10.38
N ASP A 67 -2.01 -2.14 11.29
CA ASP A 67 -2.78 -0.90 11.00
C ASP A 67 -2.63 0.05 12.19
N ILE A 68 -2.61 1.36 11.93
CA ILE A 68 -2.45 2.44 12.95
C ILE A 68 -3.77 2.58 13.74
N SER A 69 -4.91 2.18 13.16
CA SER A 69 -6.27 2.36 13.73
C SER A 69 -6.62 1.22 14.70
N GLU A 70 -6.88 1.56 15.96
CA GLU A 70 -7.40 0.65 17.01
C GLU A 70 -8.71 0.03 16.54
N LYS A 71 -9.57 0.83 15.91
CA LYS A 71 -10.89 0.40 15.37
C LYS A 71 -10.69 -0.69 14.32
N MET A 72 -9.77 -0.49 13.37
CA MET A 72 -9.58 -1.42 12.22
C MET A 72 -9.02 -2.77 12.72
N ILE A 73 -8.07 -2.74 13.66
CA ILE A 73 -7.43 -3.97 14.21
C ILE A 73 -8.43 -4.72 15.09
N ALA A 74 -9.28 -4.02 15.84
CA ALA A 74 -10.37 -4.63 16.63
C ALA A 74 -11.30 -5.42 15.70
N LEU A 75 -11.72 -4.79 14.59
CA LEU A 75 -12.61 -5.39 13.57
C LEU A 75 -11.88 -6.53 12.84
N ALA A 76 -10.56 -6.41 12.65
CA ALA A 76 -9.70 -7.43 12.02
C ALA A 76 -9.73 -8.71 12.87
N LYS A 77 -9.47 -8.58 14.18
CA LYS A 77 -9.45 -9.72 15.14
C LYS A 77 -10.84 -10.35 15.23
N LYS A 78 -11.89 -9.51 15.18
CA LYS A 78 -13.31 -9.96 15.16
C LYS A 78 -13.55 -10.79 13.90
N LYS A 79 -13.08 -10.32 12.73
CA LYS A 79 -13.27 -11.02 11.43
C LYS A 79 -12.50 -12.36 11.47
N SER A 80 -11.28 -12.37 12.02
CA SER A 80 -10.44 -13.60 12.13
C SER A 80 -11.16 -14.65 12.99
N THR A 81 -11.91 -14.22 13.99
CA THR A 81 -12.76 -15.09 14.86
C THR A 81 -13.87 -15.70 14.01
N GLU A 82 -14.57 -14.90 13.20
CA GLU A 82 -15.66 -15.35 12.30
C GLU A 82 -15.13 -16.38 11.29
N TYR A 83 -13.90 -16.20 10.80
CA TYR A 83 -13.25 -17.05 9.76
C TYR A 83 -12.50 -18.22 10.41
N GLY A 84 -12.19 -18.11 11.71
CA GLY A 84 -11.39 -19.11 12.46
C GLY A 84 -9.99 -19.23 11.90
N ASP A 85 -9.45 -18.13 11.37
CA ASP A 85 -8.11 -18.10 10.69
C ASP A 85 -7.03 -17.77 11.73
N ASN A 86 -5.78 -17.92 11.33
CA ASN A 86 -4.58 -17.94 12.22
C ASN A 86 -3.90 -16.57 12.22
N ILE A 87 -4.52 -15.54 11.64
CA ILE A 87 -3.84 -14.26 11.29
C ILE A 87 -3.61 -13.44 12.58
N GLU A 88 -2.38 -12.94 12.74
CA GLU A 88 -1.92 -12.13 13.90
C GLU A 88 -2.01 -10.65 13.51
N PHE A 89 -2.62 -9.83 14.37
CA PHE A 89 -2.88 -8.39 14.10
C PHE A 89 -2.24 -7.54 15.20
N HIS A 90 -1.59 -6.44 14.80
CA HIS A 90 -0.90 -5.48 15.70
C HIS A 90 -1.35 -4.06 15.36
N VAL A 91 -1.61 -3.24 16.39
CA VAL A 91 -1.80 -1.76 16.26
C VAL A 91 -0.40 -1.13 16.22
N ALA A 92 -0.02 -0.53 15.09
CA ALA A 92 1.29 0.12 14.93
C ALA A 92 1.28 1.13 13.77
N ASN A 93 2.05 2.20 13.93
CA ASN A 93 2.46 3.13 12.85
C ASN A 93 3.62 2.47 12.10
N VAL A 94 3.51 2.32 10.78
CA VAL A 94 4.54 1.63 9.94
C VAL A 94 5.90 2.31 10.15
N SER A 95 5.94 3.64 10.28
CA SER A 95 7.18 4.47 10.39
C SER A 95 8.06 4.02 11.57
N ASP A 96 7.48 3.48 12.64
CA ASP A 96 8.24 3.10 13.87
C ASP A 96 7.77 1.75 14.41
N MET A 97 7.24 0.86 13.56
CA MET A 97 6.79 -0.49 13.97
C MET A 97 8.02 -1.38 14.18
N GLN A 98 7.94 -2.32 15.13
CA GLN A 98 9.02 -3.28 15.46
C GLN A 98 8.39 -4.64 15.81
N LEU A 99 8.33 -5.55 14.82
CA LEU A 99 7.73 -6.91 14.95
C LEU A 99 8.81 -7.93 15.31
N ASN A 100 10.09 -7.53 15.26
CA ASN A 100 11.26 -8.41 15.54
C ASN A 100 11.17 -9.66 14.66
N GLU A 101 10.90 -9.47 13.37
CA GLU A 101 10.69 -10.57 12.39
C GLU A 101 10.80 -10.01 10.97
N LYS A 102 11.33 -10.82 10.05
CA LYS A 102 11.46 -10.48 8.60
C LYS A 102 10.54 -11.41 7.80
N PHE A 103 10.00 -10.92 6.69
CA PHE A 103 8.97 -11.60 5.85
C PHE A 103 9.46 -11.69 4.39
N ASP A 104 8.91 -12.65 3.65
CA ASP A 104 9.16 -12.86 2.21
C ASP A 104 8.51 -11.72 1.42
N ILE A 105 7.26 -11.40 1.77
CA ILE A 105 6.42 -10.41 1.03
C ILE A 105 5.81 -9.44 2.03
N ILE A 106 5.93 -8.14 1.75
CA ILE A 106 5.20 -7.07 2.48
C ILE A 106 4.28 -6.41 1.46
N THR A 107 2.99 -6.36 1.80
CA THR A 107 1.95 -5.66 1.01
C THR A 107 1.65 -4.33 1.72
N ALA A 108 1.62 -3.23 0.96
CA ALA A 108 1.35 -1.87 1.46
C ALA A 108 0.46 -1.14 0.45
N THR A 109 -0.81 -1.56 0.35
CA THR A 109 -1.81 -0.98 -0.57
C THR A 109 -2.45 0.25 0.08
N PHE A 110 -2.22 1.43 -0.51
CA PHE A 110 -2.77 2.75 -0.11
C PHE A 110 -2.28 3.16 1.29
N LEU A 111 -1.03 2.82 1.60
CA LEU A 111 -0.35 3.25 2.85
C LEU A 111 0.37 4.58 2.59
N PHE A 112 1.15 4.65 1.51
CA PHE A 112 2.24 5.65 1.33
C PHE A 112 1.66 7.05 1.12
N HIS A 113 0.42 7.19 0.64
CA HIS A 113 -0.20 8.52 0.42
C HIS A 113 -0.82 9.05 1.73
N TYR A 114 -0.61 8.36 2.86
CA TYR A 114 -0.81 8.89 4.23
C TYR A 114 0.49 9.50 4.78
N ALA A 115 1.63 9.28 4.14
CA ALA A 115 2.92 9.91 4.52
C ALA A 115 2.83 11.43 4.28
N LYS A 116 2.89 12.21 5.36
CA LYS A 116 2.60 13.68 5.33
C LYS A 116 3.87 14.45 4.94
N SER A 117 5.03 13.81 4.93
CA SER A 117 6.34 14.42 4.63
C SER A 117 7.24 13.44 3.87
N ILE A 118 8.30 13.96 3.23
CA ILE A 118 9.37 13.14 2.60
C ILE A 118 10.03 12.30 3.71
N VAL A 119 10.27 12.89 4.88
CA VAL A 119 10.91 12.19 6.04
C VAL A 119 10.02 11.01 6.45
N GLU A 120 8.71 11.21 6.52
CA GLU A 120 7.77 10.13 6.93
C GLU A 120 7.76 9.05 5.84
N LEU A 121 7.68 9.44 4.56
CA LEU A 121 7.72 8.49 3.42
C LEU A 121 8.99 7.63 3.52
N GLU A 122 10.14 8.26 3.78
CA GLU A 122 11.45 7.58 3.90
C GLU A 122 11.47 6.68 5.14
N SER A 123 10.88 7.12 6.25
CA SER A 123 10.71 6.31 7.49
C SER A 123 9.95 5.02 7.17
N MET A 124 8.85 5.14 6.42
CA MET A 124 7.96 3.99 6.08
C MET A 124 8.74 2.97 5.24
N PHE A 125 9.43 3.41 4.18
CA PHE A 125 10.23 2.54 3.27
C PHE A 125 11.37 1.87 4.06
N ARG A 126 12.03 2.61 4.94
CA ARG A 126 13.14 2.08 5.79
C ARG A 126 12.58 0.98 6.70
N SER A 127 11.43 1.21 7.31
CA SER A 127 10.74 0.24 8.20
C SER A 127 10.37 -1.03 7.42
N VAL A 128 9.88 -0.89 6.19
CA VAL A 128 9.53 -2.02 5.28
C VAL A 128 10.81 -2.84 5.00
N ALA A 129 11.90 -2.18 4.60
CA ALA A 129 13.19 -2.81 4.28
C ALA A 129 13.70 -3.61 5.48
N ASN A 130 13.59 -3.05 6.68
CA ASN A 130 14.06 -3.67 7.96
C ASN A 130 13.26 -4.93 8.29
N HIS A 131 12.06 -5.09 7.71
CA HIS A 131 11.15 -6.25 7.96
C HIS A 131 11.12 -7.20 6.76
N LEU A 132 12.01 -7.03 5.79
CA LEU A 132 12.09 -7.90 4.59
C LEU A 132 13.28 -8.84 4.70
N LYS A 133 13.05 -10.13 4.44
CA LYS A 133 14.11 -11.16 4.24
C LYS A 133 14.95 -10.76 3.05
N PRO A 134 16.23 -11.21 2.97
CA PRO A 134 17.03 -11.05 1.75
C PRO A 134 16.23 -11.55 0.54
N SER A 135 16.21 -10.77 -0.55
CA SER A 135 15.49 -11.06 -1.82
C SER A 135 13.97 -11.00 -1.60
N GLY A 136 13.51 -10.48 -0.46
CA GLY A 136 12.08 -10.25 -0.18
C GLY A 136 11.58 -9.06 -0.99
N LYS A 137 10.26 -8.95 -1.20
CA LYS A 137 9.69 -7.88 -2.05
C LYS A 137 8.56 -7.13 -1.33
N LEU A 138 8.51 -5.82 -1.60
CA LEU A 138 7.40 -4.91 -1.24
C LEU A 138 6.47 -4.84 -2.45
N VAL A 139 5.17 -5.07 -2.24
CA VAL A 139 4.10 -4.81 -3.24
C VAL A 139 3.23 -3.69 -2.69
N ALA A 140 3.16 -2.56 -3.40
CA ALA A 140 2.39 -1.36 -3.00
C ALA A 140 1.45 -0.93 -4.15
N TYR A 141 0.42 -0.18 -3.79
CA TYR A 141 -0.54 0.49 -4.71
C TYR A 141 -0.82 1.87 -4.13
N MET A 142 -0.72 2.92 -4.94
CA MET A 142 -0.98 4.31 -4.51
C MET A 142 -1.51 5.15 -5.67
N ALA A 143 -2.05 6.32 -5.35
CA ALA A 143 -2.42 7.38 -6.32
C ALA A 143 -1.22 7.65 -7.22
N ALA A 144 -1.44 7.63 -8.55
CA ALA A 144 -0.39 7.80 -9.58
C ALA A 144 0.49 8.99 -9.20
N PRO A 145 1.82 8.79 -9.00
CA PRO A 145 2.74 9.90 -8.75
C PRO A 145 2.72 11.02 -9.79
N ASP A 146 2.45 10.69 -11.06
CA ASP A 146 2.47 11.64 -12.21
C ASP A 146 1.35 12.66 -12.07
N TYR A 147 0.13 12.20 -11.81
CA TYR A 147 -1.14 12.97 -11.94
C TYR A 147 -0.99 14.42 -11.46
N GLN A 148 -1.31 15.36 -12.34
CA GLN A 148 -1.47 16.81 -12.05
C GLN A 148 -2.86 17.24 -12.51
N LEU A 149 -3.57 18.02 -11.69
CA LEU A 149 -4.98 18.45 -11.93
C LEU A 149 -5.11 19.07 -13.33
N GLU A 150 -4.15 19.92 -13.71
CA GLU A 150 -4.13 20.69 -14.97
C GLU A 150 -4.33 19.76 -16.18
N LYS A 151 -3.76 18.55 -16.12
CA LYS A 151 -3.85 17.52 -17.19
C LYS A 151 -5.31 17.13 -17.45
N GLY A 152 -6.13 17.06 -16.39
CA GLY A 152 -7.57 16.76 -16.47
C GLY A 152 -8.10 16.12 -15.20
N ASN A 153 -9.36 16.38 -14.86
CA ASN A 153 -10.06 15.78 -13.69
C ASN A 153 -10.54 14.37 -14.06
N CYS A 154 -10.85 13.54 -13.06
CA CYS A 154 -11.13 12.09 -13.21
C CYS A 154 -12.58 11.76 -12.82
N HIS A 155 -13.53 12.61 -13.23
CA HIS A 155 -14.99 12.44 -12.95
C HIS A 155 -15.46 11.10 -13.52
N ASN A 156 -15.01 10.75 -14.72
CA ASN A 156 -15.34 9.50 -15.45
C ASN A 156 -14.93 8.29 -14.61
N TYR A 157 -13.79 8.36 -13.91
CA TYR A 157 -13.21 7.27 -13.08
C TYR A 157 -13.97 7.14 -11.75
N GLY A 158 -14.73 8.16 -11.36
CA GLY A 158 -15.54 8.18 -10.12
C GLY A 158 -14.80 8.83 -8.96
N LEU A 159 -13.75 9.60 -9.24
CA LEU A 159 -12.93 10.33 -8.26
C LEU A 159 -12.88 11.82 -8.65
N ASN A 160 -13.42 12.69 -7.79
CA ASN A 160 -13.51 14.15 -8.02
C ASN A 160 -12.41 14.85 -7.22
N ILE A 161 -11.43 15.45 -7.91
CA ILE A 161 -10.31 16.22 -7.28
C ILE A 161 -10.84 17.62 -6.95
N LEU A 162 -11.02 17.93 -5.67
CA LEU A 162 -11.65 19.18 -5.19
C LEU A 162 -10.59 20.28 -5.01
N SER A 163 -9.38 19.94 -4.56
CA SER A 163 -8.30 20.92 -4.28
C SER A 163 -6.92 20.29 -4.50
N GLU A 164 -5.98 21.12 -4.95
CA GLU A 164 -4.55 20.75 -5.19
C GLU A 164 -3.68 21.77 -4.46
N GLU A 165 -2.87 21.31 -3.51
CA GLU A 165 -1.88 22.14 -2.77
C GLU A 165 -0.48 21.61 -3.08
N PRO A 166 0.40 22.43 -3.68
CA PRO A 166 1.71 21.96 -4.13
C PRO A 166 2.69 21.77 -2.96
N LEU A 167 3.37 20.63 -2.92
CA LEU A 167 4.47 20.33 -1.96
C LEU A 167 5.80 20.31 -2.73
N GLN A 168 6.91 20.42 -2.00
CA GLN A 168 8.27 20.18 -2.55
C GLN A 168 8.38 18.67 -2.84
N GLY A 169 8.17 18.28 -4.10
CA GLY A 169 8.30 16.90 -4.58
C GLY A 169 6.98 16.13 -4.56
N GLY A 170 5.84 16.83 -4.71
CA GLY A 170 4.51 16.20 -4.75
C GLY A 170 3.40 17.22 -4.62
N PHE A 171 2.17 16.74 -4.33
CA PHE A 171 0.95 17.54 -4.13
C PHE A 171 0.11 16.93 -3.01
N ILE A 172 -0.64 17.78 -2.28
CA ILE A 172 -1.76 17.36 -1.40
C ILE A 172 -3.04 17.50 -2.23
N HIS A 173 -3.77 16.40 -2.43
CA HIS A 173 -5.08 16.36 -3.15
C HIS A 173 -6.18 15.99 -2.16
N GLN A 174 -7.22 16.83 -2.08
CA GLN A 174 -8.53 16.46 -1.49
C GLN A 174 -9.39 15.85 -2.60
N VAL A 175 -9.82 14.61 -2.42
CA VAL A 175 -10.55 13.80 -3.43
C VAL A 175 -11.93 13.46 -2.88
N GLU A 176 -12.98 13.73 -3.66
CA GLU A 176 -14.35 13.25 -3.38
C GLU A 176 -14.62 12.02 -4.24
N PHE A 177 -14.93 10.89 -3.60
CA PHE A 177 -15.39 9.65 -4.26
C PHE A 177 -16.90 9.79 -4.52
N ILE A 178 -17.32 9.66 -5.78
CA ILE A 178 -18.73 9.83 -6.23
C ILE A 178 -19.53 8.61 -5.73
N THR A 179 -19.80 8.58 -4.42
CA THR A 179 -20.60 7.55 -3.72
C THR A 179 -21.79 8.23 -3.05
N THR A 180 -22.67 7.43 -2.44
CA THR A 180 -23.89 7.89 -1.72
C THR A 180 -23.92 7.21 -0.34
N PRO A 181 -23.56 7.90 0.77
CA PRO A 181 -23.12 9.30 0.72
C PRO A 181 -21.74 9.48 0.09
N PRO A 182 -21.39 10.71 -0.36
CA PRO A 182 -20.05 10.99 -0.87
C PRO A 182 -19.09 11.17 0.32
N ILE A 183 -17.83 10.75 0.16
CA ILE A 183 -16.77 10.84 1.20
C ILE A 183 -15.55 11.54 0.61
N LEU A 184 -14.88 12.36 1.43
CA LEU A 184 -13.72 13.19 1.05
C LEU A 184 -12.46 12.62 1.70
N LEU A 185 -11.45 12.28 0.91
CA LEU A 185 -10.14 11.74 1.36
C LEU A 185 -9.03 12.69 0.93
N THR A 186 -7.99 12.83 1.77
CA THR A 186 -6.77 13.63 1.50
C THR A 186 -5.64 12.67 1.13
N PHE A 187 -5.07 12.82 -0.07
CA PHE A 187 -3.89 12.06 -0.57
C PHE A 187 -2.67 12.98 -0.59
N TYR A 188 -1.56 12.54 0.01
CA TYR A 188 -0.21 13.09 -0.24
C TYR A 188 0.36 12.35 -1.45
N ARG A 189 0.26 12.96 -2.63
CA ARG A 189 0.71 12.39 -3.92
C ARG A 189 2.16 12.78 -4.15
N TRP A 190 3.09 11.90 -3.76
CA TRP A 190 4.56 12.09 -3.95
C TRP A 190 4.93 11.66 -5.38
N ASP A 191 5.82 12.42 -6.03
CA ASP A 191 6.22 12.18 -7.44
C ASP A 191 7.22 11.00 -7.49
N ARG A 192 7.54 10.55 -8.69
CA ARG A 192 8.41 9.36 -8.94
C ARG A 192 9.78 9.56 -8.28
N GLU A 193 10.36 10.76 -8.39
CA GLU A 193 11.73 11.08 -7.89
C GLU A 193 11.77 10.93 -6.37
N THR A 194 10.76 11.44 -5.67
CA THR A 194 10.61 11.36 -4.19
C THR A 194 10.55 9.88 -3.78
N TYR A 195 9.80 9.07 -4.50
CA TYR A 195 9.67 7.60 -4.26
C TYR A 195 11.01 6.93 -4.51
N LYS A 196 11.64 7.20 -5.65
CA LYS A 196 12.95 6.60 -6.04
C LYS A 196 13.96 6.85 -4.92
N ASN A 197 14.08 8.09 -4.46
CA ASN A 197 15.03 8.50 -3.38
C ASN A 197 14.69 7.75 -2.08
N ALA A 198 13.40 7.62 -1.74
CA ALA A 198 12.91 6.93 -0.53
C ALA A 198 13.29 5.44 -0.60
N ILE A 199 13.09 4.83 -1.77
CA ILE A 199 13.40 3.39 -2.03
C ILE A 199 14.91 3.19 -1.96
N HIS A 200 15.68 4.10 -2.56
CA HIS A 200 17.17 4.08 -2.57
C HIS A 200 17.67 4.10 -1.11
N LYS A 201 17.29 5.11 -0.34
CA LYS A 201 17.78 5.34 1.06
C LYS A 201 17.47 4.12 1.94
N ALA A 202 16.34 3.44 1.67
CA ALA A 202 15.85 2.27 2.43
C ALA A 202 16.75 1.04 2.18
N GLY A 203 17.46 1.02 1.05
CA GLY A 203 18.45 -0.02 0.70
C GLY A 203 17.86 -1.14 -0.14
N PHE A 204 16.81 -0.86 -0.90
CA PHE A 204 16.25 -1.79 -1.92
C PHE A 204 17.26 -1.93 -3.07
N GLY A 205 17.35 -3.11 -3.66
CA GLY A 205 18.27 -3.42 -4.78
C GLY A 205 17.76 -2.84 -6.09
N HIS A 206 16.48 -3.07 -6.40
CA HIS A 206 15.79 -2.55 -7.60
C HIS A 206 14.29 -2.45 -7.33
N PHE A 207 13.56 -1.78 -8.22
CA PHE A 207 12.09 -1.60 -8.14
C PHE A 207 11.55 -1.34 -9.55
N GLU A 208 10.22 -1.37 -9.70
CA GLU A 208 9.56 -0.91 -10.94
C GLU A 208 8.13 -0.46 -10.63
N TRP A 209 7.64 0.47 -11.47
CA TRP A 209 6.24 0.95 -11.50
C TRP A 209 5.41 0.00 -12.36
N ARG A 210 4.25 -0.42 -11.84
CA ARG A 210 3.35 -1.42 -12.47
C ARG A 210 2.05 -0.70 -12.85
N LYS A 211 1.82 -0.50 -14.14
CA LYS A 211 0.66 0.24 -14.70
C LYS A 211 0.04 -0.59 -15.81
N PRO A 212 -0.95 -1.45 -15.50
CA PRO A 212 -1.57 -2.29 -16.52
C PRO A 212 -2.35 -1.45 -17.54
N MET A 213 -2.56 -2.00 -18.74
CA MET A 213 -3.38 -1.39 -19.81
C MET A 213 -4.42 -2.42 -20.25
N VAL A 214 -5.71 -2.13 -20.00
CA VAL A 214 -6.87 -2.96 -20.41
C VAL A 214 -7.19 -2.65 -21.87
N LEU A 215 -7.69 -3.64 -22.61
CA LEU A 215 -8.11 -3.53 -24.02
C LEU A 215 -9.63 -3.75 -24.09
N GLU A 216 -10.36 -2.85 -24.76
CA GLU A 216 -11.84 -2.72 -24.73
C GLU A 216 -12.28 -2.46 -23.28
N CYS A 234 -5.30 8.86 -14.27
CA CYS A 234 -6.38 8.75 -13.25
C CYS A 234 -6.23 7.47 -12.42
N MET A 235 -6.08 6.32 -13.09
CA MET A 235 -5.93 4.98 -12.47
C MET A 235 -4.74 4.99 -11.50
N HIS A 236 -4.84 4.22 -10.41
CA HIS A 236 -3.77 4.05 -9.40
C HIS A 236 -2.59 3.28 -10.03
N THR A 237 -1.43 3.31 -9.40
CA THR A 237 -0.19 2.64 -9.89
C THR A 237 0.29 1.62 -8.85
N GLY A 238 0.76 0.47 -9.35
CA GLY A 238 1.49 -0.52 -8.54
C GLY A 238 2.95 -0.14 -8.39
N LEU A 239 3.57 -0.55 -7.28
CA LEU A 239 5.02 -0.41 -7.02
C LEU A 239 5.52 -1.72 -6.42
N THR A 240 6.51 -2.33 -7.05
CA THR A 240 7.21 -3.54 -6.55
C THR A 240 8.68 -3.17 -6.33
N CYS A 241 9.18 -3.42 -5.12
CA CYS A 241 10.58 -3.14 -4.70
C CYS A 241 11.19 -4.44 -4.16
N TRP A 242 12.40 -4.78 -4.63
CA TRP A 242 13.14 -6.00 -4.20
C TRP A 242 14.37 -5.58 -3.39
N MET A 243 14.60 -6.27 -2.27
CA MET A 243 15.84 -6.14 -1.44
C MET A 243 16.95 -6.94 -2.12
N PRO A 244 18.23 -6.60 -1.88
CA PRO A 244 19.35 -7.44 -2.34
C PRO A 244 19.40 -8.75 -1.52
N SAH B . -4.47 -2.15 2.58
CA SAH B . -5.92 -1.74 2.55
CB SAH B . -6.08 -0.23 2.79
CG SAH B . -7.09 0.11 3.86
SD SAH B . -7.41 1.88 3.98
C SAH B . -6.54 -2.09 1.18
O SAH B . -5.84 -2.18 0.18
OXT SAH B . -7.74 -2.28 1.05
C5' SAH B . -5.86 2.56 4.57
C4' SAH B . -5.48 2.09 5.95
O4' SAH B . -4.18 2.59 6.29
C3' SAH B . -6.42 2.58 7.07
O3' SAH B . -7.00 1.46 7.74
C2' SAH B . -5.49 3.38 8.01
O2' SAH B . -5.79 3.20 9.37
C1' SAH B . -4.13 2.78 7.67
N9 SAH B . -2.98 3.61 7.98
C8 SAH B . -2.83 4.95 7.70
N7 SAH B . -1.67 5.42 8.08
C5 SAH B . -1.01 4.33 8.62
C6 SAH B . 0.27 4.19 9.19
N6 SAH B . 1.15 5.19 9.32
N1 SAH B . 0.63 2.96 9.64
C2 SAH B . -0.25 1.97 9.52
N3 SAH B . -1.48 1.98 9.00
C4 SAH B . -1.80 3.21 8.56
#